data_2XO7
#
_entry.id   2XO7
#
_cell.length_a   87.478
_cell.length_b   93.636
_cell.length_c   105.091
_cell.angle_alpha   90.00
_cell.angle_beta   90.00
_cell.angle_gamma   90.00
#
_symmetry.space_group_name_H-M   'P 21 21 21'
#
loop_
_entity.id
_entity.type
_entity.pdbx_description
1 polymer 'DNA POLYMERASE I'
2 polymer "5'-D(*GP*AP*CP*CP*AP*TP*47C*CP*CP*T)-3'"
3 polymer "5'-D(*AP*GP*GP*AP*AP*TP*GP*GP*TP*CP*A)-3'"
4 non-polymer 'SULFATE ION'
5 water water
#
loop_
_entity_poly.entity_id
_entity_poly.type
_entity_poly.pdbx_seq_one_letter_code
_entity_poly.pdbx_strand_id
1 'polypeptide(L)'
;AKMAFTLADRVTEEMLADKAALVVEVVEENYHDAPIVGIAVVNEHGRFFLRPETALADPQFVAWLGDETKKKSMFDSKRA
AVALKWKGIELCGVSFDLLLAAYLLDPAQGVDDVAAAAKMKQYEAVRPDEAVYGKGAKRAVPDEPVLAEHLVRKAAAIWA
LERPFLDELRRNEQDRLLVELEQPLSSILAEMEFAGVKVDTKRLEQMGEELAEQLRTVEQRIYELAGQEFNINSPKQLGV
ILFEKLQLPVLKKSKTGYSTSADVLEKLAPYHEIVENILHYRQLGKLQSTYIEGLLKVVRPDTKKVHTIFNQALTQTGRL
SSTEPNLQNIPIRLEEGRKIRQAFVPSESDWLIFAADYSQIELRVLAHIAEDDNLMEAFRRDLDIHTKTAMDIFQVSEDE
VTPNMRRQAKAVNFGIVYGISDYGLAQNLNISRKEAAEFIERYFESFPGVKRYMENIVQEAKQKGYVTTLLHRRRYLPDI
TSRNFNVRSFAERMAMNTPIQGSAADIIKKAMIDLNARLKEERLQARLLLQVHDELILEAPKEEMERLCRLVPEVMEQAV
TLRVPLKVDYHYGSTWYDAK
;
A
2 'polydeoxyribonucleotide' (DG)(DA)(DC)(DC)(DA)(DT)(47C)(DC)(DC)(DT) B
3 'polydeoxyribonucleotide' (DA)(DG)(DG)(DA)(DA)(DT)(DG)(DG)(DT)(DC)(DA) C
#
# COMPACT_ATOMS: atom_id res chain seq x y z
N ALA A 1 -13.15 -40.40 1.99
CA ALA A 1 -12.42 -39.16 2.47
C ALA A 1 -12.47 -38.05 1.42
N LYS A 2 -12.33 -38.46 0.16
CA LYS A 2 -12.23 -37.54 -0.98
C LYS A 2 -13.52 -36.69 -1.10
N MET A 3 -13.49 -35.74 -2.05
CA MET A 3 -14.66 -34.96 -2.45
C MET A 3 -14.91 -35.35 -3.87
N ALA A 4 -16.17 -35.58 -4.19
CA ALA A 4 -16.51 -36.02 -5.53
C ALA A 4 -16.36 -34.88 -6.55
N PHE A 5 -15.68 -35.14 -7.66
CA PHE A 5 -15.64 -34.21 -8.77
C PHE A 5 -15.37 -34.90 -10.08
N THR A 6 -16.01 -34.44 -11.14
CA THR A 6 -15.65 -34.89 -12.47
C THR A 6 -14.37 -34.24 -12.93
N LEU A 7 -13.38 -35.09 -13.22
CA LEU A 7 -12.11 -34.68 -13.82
C LEU A 7 -12.36 -34.59 -15.30
N ALA A 8 -12.73 -33.39 -15.74
CA ALA A 8 -13.20 -33.19 -17.10
C ALA A 8 -12.04 -33.15 -18.09
N ASP A 9 -12.23 -33.85 -19.21
CA ASP A 9 -11.30 -33.76 -20.33
C ASP A 9 -11.91 -32.97 -21.50
N ARG A 10 -13.06 -32.34 -21.30
CA ARG A 10 -13.70 -31.52 -22.34
C ARG A 10 -14.76 -30.63 -21.68
N VAL A 11 -14.99 -29.45 -22.25
CA VAL A 11 -15.91 -28.48 -21.65
C VAL A 11 -17.35 -28.69 -22.11
N THR A 12 -18.17 -29.16 -21.19
CA THR A 12 -19.56 -29.38 -21.46
C THR A 12 -20.41 -28.18 -21.05
N GLU A 13 -21.55 -28.16 -21.68
CA GLU A 13 -22.54 -27.12 -21.59
C GLU A 13 -23.00 -26.87 -20.12
N GLU A 14 -22.84 -27.83 -19.23
CA GLU A 14 -23.32 -27.69 -17.85
C GLU A 14 -22.25 -27.06 -16.97
N MET A 15 -21.05 -26.90 -17.50
CA MET A 15 -19.96 -26.21 -16.76
C MET A 15 -20.05 -24.70 -16.95
N LEU A 16 -21.06 -24.24 -17.68
CA LEU A 16 -21.16 -22.85 -18.07
C LEU A 16 -22.37 -22.15 -17.49
N ALA A 17 -22.72 -22.50 -16.26
CA ALA A 17 -23.88 -21.91 -15.60
C ALA A 17 -23.76 -20.41 -15.29
N ASP A 18 -24.89 -19.78 -15.04
CA ASP A 18 -24.92 -18.32 -14.75
C ASP A 18 -24.25 -17.98 -13.44
N LYS A 19 -24.32 -18.90 -12.48
CA LYS A 19 -23.74 -18.67 -11.19
C LYS A 19 -22.72 -19.75 -10.92
N ALA A 20 -21.54 -19.36 -10.50
CA ALA A 20 -20.53 -20.36 -10.24
C ALA A 20 -19.43 -19.89 -9.31
N ALA A 21 -18.74 -20.83 -8.70
CA ALA A 21 -17.56 -20.52 -7.92
C ALA A 21 -16.42 -21.03 -8.78
N LEU A 22 -15.46 -20.16 -9.07
CA LEU A 22 -14.41 -20.50 -10.01
C LEU A 22 -13.01 -20.37 -9.37
N VAL A 23 -12.13 -21.25 -9.78
CA VAL A 23 -10.76 -21.17 -9.34
C VAL A 23 -9.83 -21.27 -10.53
N VAL A 24 -9.02 -20.24 -10.73
CA VAL A 24 -8.00 -20.24 -11.76
C VAL A 24 -6.71 -20.16 -10.98
N GLU A 25 -5.95 -21.24 -10.93
CA GLU A 25 -4.92 -21.26 -9.93
C GLU A 25 -3.63 -20.86 -10.55
N VAL A 26 -3.00 -19.90 -9.89
CA VAL A 26 -1.69 -19.42 -10.29
C VAL A 26 -0.81 -19.52 -9.07
N VAL A 27 0.04 -20.54 -9.05
CA VAL A 27 0.84 -20.87 -7.89
C VAL A 27 1.97 -19.87 -7.70
N GLU A 28 2.67 -19.50 -8.76
CA GLU A 28 3.72 -18.45 -8.66
C GLU A 28 3.27 -17.26 -7.82
N GLU A 29 4.13 -16.76 -6.94
CA GLU A 29 3.75 -15.61 -6.10
C GLU A 29 3.55 -14.36 -6.93
N ASN A 30 4.48 -14.10 -7.82
CA ASN A 30 4.35 -13.03 -8.76
C ASN A 30 3.61 -13.55 -9.96
N TYR A 31 2.34 -13.17 -10.09
CA TYR A 31 1.47 -13.72 -11.11
C TYR A 31 1.57 -13.09 -12.50
N HIS A 32 2.47 -12.13 -12.66
CA HIS A 32 2.60 -11.48 -13.94
C HIS A 32 3.27 -12.43 -14.95
N ASP A 33 2.50 -12.80 -15.98
CA ASP A 33 2.97 -13.68 -17.03
C ASP A 33 3.31 -15.04 -16.45
N ALA A 34 2.49 -15.43 -15.47
CA ALA A 34 2.64 -16.67 -14.73
C ALA A 34 1.73 -17.75 -15.28
N PRO A 35 2.18 -19.02 -15.21
CA PRO A 35 1.40 -20.15 -15.72
C PRO A 35 0.19 -20.37 -14.85
N ILE A 36 -0.89 -20.82 -15.46
CA ILE A 36 -2.08 -21.19 -14.72
C ILE A 36 -1.98 -22.68 -14.61
N VAL A 37 -1.89 -23.22 -13.39
CA VAL A 37 -1.69 -24.69 -13.21
C VAL A 37 -2.96 -25.57 -13.26
N GLY A 38 -4.12 -25.03 -12.94
CA GLY A 38 -5.36 -25.81 -12.99
C GLY A 38 -6.62 -24.98 -12.89
N ILE A 39 -7.76 -25.60 -13.06
CA ILE A 39 -9.01 -24.87 -13.00
C ILE A 39 -10.10 -25.74 -12.39
N ALA A 40 -10.95 -25.11 -11.61
CA ALA A 40 -12.01 -25.80 -10.98
C ALA A 40 -13.20 -24.91 -11.00
N VAL A 41 -14.34 -25.51 -11.26
CA VAL A 41 -15.60 -24.82 -11.27
C VAL A 41 -16.52 -25.64 -10.39
N VAL A 42 -17.35 -24.95 -9.60
CA VAL A 42 -18.42 -25.60 -8.84
C VAL A 42 -19.71 -24.79 -9.01
N ASN A 43 -20.77 -25.49 -9.36
CA ASN A 43 -22.05 -24.86 -9.61
C ASN A 43 -23.19 -25.83 -9.34
N GLU A 44 -24.44 -25.40 -9.60
CA GLU A 44 -25.62 -26.19 -9.29
C GLU A 44 -25.55 -27.59 -9.91
N HIS A 45 -24.72 -27.76 -10.95
CA HIS A 45 -24.64 -29.02 -11.70
C HIS A 45 -23.57 -29.97 -11.21
N GLY A 46 -22.63 -29.48 -10.40
CA GLY A 46 -21.55 -30.36 -9.87
C GLY A 46 -20.21 -29.70 -9.64
N ARG A 47 -19.17 -30.51 -9.60
CA ARG A 47 -17.82 -30.08 -9.36
C ARG A 47 -16.93 -30.58 -10.46
N PHE A 48 -16.15 -29.67 -11.03
CA PHE A 48 -15.36 -29.97 -12.20
C PHE A 48 -13.94 -29.48 -12.04
N PHE A 49 -12.99 -30.28 -12.50
CA PHE A 49 -11.60 -29.88 -12.62
C PHE A 49 -11.20 -29.93 -14.07
N LEU A 50 -10.76 -28.80 -14.60
CA LEU A 50 -10.42 -28.68 -16.01
C LEU A 50 -8.97 -28.31 -16.12
N ARG A 51 -8.27 -28.96 -17.03
CA ARG A 51 -6.89 -28.59 -17.35
C ARG A 51 -6.84 -27.29 -18.14
N PRO A 52 -5.89 -26.42 -17.82
CA PRO A 52 -5.79 -25.11 -18.48
C PRO A 52 -5.77 -25.19 -20.01
N GLU A 53 -4.90 -26.05 -20.53
CA GLU A 53 -4.80 -26.25 -21.96
C GLU A 53 -6.17 -26.56 -22.58
N THR A 54 -6.83 -27.62 -22.13
CA THR A 54 -8.20 -27.93 -22.57
C THR A 54 -9.12 -26.71 -22.50
N ALA A 55 -9.34 -26.20 -21.29
CA ALA A 55 -10.35 -25.15 -21.04
C ALA A 55 -10.07 -23.84 -21.77
N LEU A 56 -8.83 -23.36 -21.64
CA LEU A 56 -8.46 -22.07 -22.19
C LEU A 56 -8.37 -22.07 -23.72
N ALA A 57 -8.27 -23.25 -24.31
CA ALA A 57 -8.37 -23.41 -25.75
C ALA A 57 -9.85 -23.48 -26.22
N ASP A 58 -10.79 -23.58 -25.28
CA ASP A 58 -12.21 -23.79 -25.61
C ASP A 58 -12.97 -22.47 -25.75
N PRO A 59 -13.34 -22.12 -27.01
CA PRO A 59 -14.08 -20.89 -27.29
C PRO A 59 -15.28 -20.69 -26.37
N GLN A 60 -15.94 -21.78 -25.97
CA GLN A 60 -17.14 -21.67 -25.14
C GLN A 60 -16.75 -21.25 -23.72
N PHE A 61 -15.67 -21.85 -23.22
CA PHE A 61 -15.21 -21.51 -21.88
C PHE A 61 -14.79 -20.04 -21.80
N VAL A 62 -13.86 -19.65 -22.67
CA VAL A 62 -13.32 -18.29 -22.72
C VAL A 62 -14.43 -17.27 -22.93
N ALA A 63 -15.48 -17.67 -23.62
CA ALA A 63 -16.65 -16.80 -23.77
C ALA A 63 -17.43 -16.67 -22.45
N TRP A 64 -17.46 -17.75 -21.65
CA TRP A 64 -18.12 -17.75 -20.35
C TRP A 64 -17.35 -16.89 -19.35
N LEU A 65 -16.03 -17.03 -19.37
CA LEU A 65 -15.12 -16.15 -18.60
C LEU A 65 -15.38 -14.67 -18.85
N GLY A 66 -15.56 -14.30 -20.13
CA GLY A 66 -15.77 -12.93 -20.54
C GLY A 66 -17.20 -12.38 -20.39
N ASP A 67 -18.18 -13.26 -20.26
CA ASP A 67 -19.57 -12.83 -20.16
C ASP A 67 -19.87 -12.29 -18.75
N GLU A 68 -20.16 -10.98 -18.66
CA GLU A 68 -20.45 -10.30 -17.39
C GLU A 68 -21.77 -10.80 -16.79
N THR A 69 -22.65 -11.26 -17.65
CA THR A 69 -23.93 -11.84 -17.21
C THR A 69 -23.77 -13.15 -16.45
N LYS A 70 -22.65 -13.85 -16.67
CA LYS A 70 -22.33 -15.07 -15.92
C LYS A 70 -21.52 -14.75 -14.66
N LYS A 71 -22.16 -14.91 -13.51
CA LYS A 71 -21.60 -14.48 -12.24
C LYS A 71 -20.72 -15.51 -11.56
N LYS A 72 -19.54 -15.07 -11.14
CA LYS A 72 -18.54 -15.98 -10.62
C LYS A 72 -18.05 -15.50 -9.27
N SER A 73 -17.97 -16.44 -8.32
CA SER A 73 -17.50 -16.17 -6.96
C SER A 73 -16.07 -16.66 -6.94
N MET A 74 -15.18 -15.91 -6.32
CA MET A 74 -13.77 -16.21 -6.43
C MET A 74 -12.96 -15.81 -5.22
N PHE A 75 -11.77 -16.37 -5.10
CA PHE A 75 -10.84 -15.92 -4.08
C PHE A 75 -9.63 -15.29 -4.76
N ASP A 76 -9.43 -14.01 -4.52
CA ASP A 76 -8.35 -13.24 -5.15
C ASP A 76 -8.48 -13.30 -6.64
N SER A 77 -9.46 -12.56 -7.14
CA SER A 77 -9.76 -12.53 -8.57
C SER A 77 -8.74 -11.73 -9.38
N LYS A 78 -8.05 -10.80 -8.75
CA LYS A 78 -7.09 -9.96 -9.42
C LYS A 78 -5.96 -10.82 -9.97
N ARG A 79 -5.49 -11.75 -9.16
CA ARG A 79 -4.42 -12.67 -9.55
C ARG A 79 -4.83 -13.42 -10.83
N ALA A 80 -6.08 -13.89 -10.80
CA ALA A 80 -6.67 -14.65 -11.90
C ALA A 80 -6.76 -13.82 -13.16
N ALA A 81 -7.34 -12.64 -12.99
CA ALA A 81 -7.58 -11.73 -14.08
C ALA A 81 -6.29 -11.29 -14.77
N VAL A 82 -5.30 -10.85 -14.00
CA VAL A 82 -4.04 -10.49 -14.61
C VAL A 82 -3.44 -11.70 -15.32
N ALA A 83 -3.32 -12.83 -14.65
CA ALA A 83 -2.71 -14.00 -15.28
C ALA A 83 -3.37 -14.31 -16.66
N LEU A 84 -4.67 -14.11 -16.73
CA LEU A 84 -5.42 -14.30 -17.97
C LEU A 84 -5.24 -13.15 -18.97
N LYS A 85 -5.12 -11.92 -18.46
CA LYS A 85 -4.78 -10.77 -19.31
C LYS A 85 -3.49 -11.03 -20.11
N TRP A 86 -2.49 -11.62 -19.47
CA TRP A 86 -1.23 -11.91 -20.14
C TRP A 86 -1.40 -12.96 -21.23
N LYS A 87 -2.51 -13.68 -21.20
CA LYS A 87 -2.84 -14.70 -22.22
C LYS A 87 -3.96 -14.24 -23.16
N GLY A 88 -4.21 -12.93 -23.20
CA GLY A 88 -5.25 -12.37 -24.04
C GLY A 88 -6.67 -12.79 -23.68
N ILE A 89 -6.92 -13.17 -22.43
CA ILE A 89 -8.26 -13.50 -21.99
C ILE A 89 -8.79 -12.50 -20.94
N GLU A 90 -10.04 -12.08 -21.11
CA GLU A 90 -10.68 -11.18 -20.16
C GLU A 90 -11.52 -12.01 -19.20
N LEU A 91 -11.41 -11.72 -17.90
CA LEU A 91 -12.27 -12.33 -16.92
C LEU A 91 -13.27 -11.29 -16.44
N CYS A 92 -14.55 -11.55 -16.63
CA CYS A 92 -15.58 -10.65 -16.13
C CYS A 92 -16.64 -11.43 -15.39
N GLY A 93 -17.55 -10.69 -14.75
CA GLY A 93 -18.66 -11.28 -14.01
C GLY A 93 -18.38 -11.65 -12.56
N VAL A 94 -17.15 -11.39 -12.09
CA VAL A 94 -16.81 -11.71 -10.73
C VAL A 94 -17.59 -10.76 -9.79
N SER A 95 -18.64 -11.29 -9.16
CA SER A 95 -19.52 -10.53 -8.30
C SER A 95 -19.20 -10.74 -6.84
N PHE A 96 -18.33 -11.70 -6.54
CA PHE A 96 -17.95 -11.91 -5.14
C PHE A 96 -16.54 -12.42 -5.04
N ASP A 97 -15.70 -11.68 -4.32
CA ASP A 97 -14.33 -12.08 -4.07
C ASP A 97 -14.12 -12.29 -2.57
N LEU A 98 -14.00 -13.55 -2.16
CA LEU A 98 -13.88 -13.93 -0.77
C LEU A 98 -12.67 -13.36 -0.08
N LEU A 99 -11.54 -13.31 -0.80
CA LEU A 99 -10.34 -12.67 -0.23
C LEU A 99 -10.63 -11.26 0.21
N LEU A 100 -11.28 -10.47 -0.64
CA LEU A 100 -11.59 -9.10 -0.24
C LEU A 100 -12.68 -9.06 0.85
N ALA A 101 -13.59 -10.03 0.83
CA ALA A 101 -14.68 -10.10 1.82
C ALA A 101 -14.18 -10.49 3.22
N ALA A 102 -13.23 -11.43 3.27
CA ALA A 102 -12.57 -11.77 4.53
C ALA A 102 -11.79 -10.59 5.07
N TYR A 103 -11.10 -9.91 4.17
CA TYR A 103 -10.29 -8.76 4.54
C TYR A 103 -11.10 -7.64 5.17
N LEU A 104 -12.30 -7.41 4.66
CA LEU A 104 -13.11 -6.35 5.21
C LEU A 104 -13.62 -6.69 6.61
N LEU A 105 -13.92 -7.95 6.85
CA LEU A 105 -14.48 -8.35 8.13
C LEU A 105 -13.48 -8.27 9.25
N ASP A 106 -12.23 -8.63 8.98
CA ASP A 106 -11.15 -8.49 9.99
C ASP A 106 -9.76 -8.53 9.37
N PRO A 107 -9.19 -7.36 9.08
CA PRO A 107 -7.85 -7.26 8.50
C PRO A 107 -6.75 -7.87 9.38
N ALA A 108 -7.02 -8.06 10.67
CA ALA A 108 -6.02 -8.66 11.58
C ALA A 108 -5.73 -10.12 11.25
N GLN A 109 -6.77 -10.92 11.00
CA GLN A 109 -6.64 -12.38 10.74
C GLN A 109 -5.61 -12.73 9.66
N GLY A 110 -5.18 -11.73 8.88
CA GLY A 110 -4.15 -11.94 7.87
C GLY A 110 -4.56 -12.97 6.83
N VAL A 111 -5.84 -13.02 6.48
CA VAL A 111 -6.31 -14.01 5.52
C VAL A 111 -5.45 -13.92 4.26
N ASP A 112 -4.80 -15.00 3.89
CA ASP A 112 -4.02 -15.04 2.64
C ASP A 112 -4.29 -16.29 1.78
N ASP A 113 -5.26 -17.09 2.17
CA ASP A 113 -5.73 -18.23 1.36
C ASP A 113 -7.12 -18.66 1.79
N VAL A 114 -7.75 -19.45 0.94
CA VAL A 114 -9.11 -19.94 1.25
C VAL A 114 -9.21 -20.66 2.60
N ALA A 115 -8.21 -21.48 2.93
CA ALA A 115 -8.21 -22.19 4.22
C ALA A 115 -8.36 -21.25 5.41
N ALA A 116 -7.56 -20.18 5.43
CA ALA A 116 -7.62 -19.14 6.49
C ALA A 116 -8.98 -18.44 6.53
N ALA A 117 -9.43 -17.97 5.37
CA ALA A 117 -10.77 -17.39 5.28
C ALA A 117 -11.82 -18.40 5.72
N ALA A 118 -11.68 -19.66 5.37
CA ALA A 118 -12.68 -20.66 5.72
C ALA A 118 -12.83 -20.83 7.25
N LYS A 119 -11.71 -20.91 7.96
CA LYS A 119 -11.78 -21.13 9.38
C LYS A 119 -12.61 -20.03 10.06
N MET A 120 -12.48 -18.79 9.56
CA MET A 120 -13.20 -17.68 10.14
C MET A 120 -14.65 -18.05 10.44
N LYS A 121 -15.24 -18.90 9.60
CA LYS A 121 -16.63 -19.37 9.78
C LYS A 121 -16.70 -20.86 10.08
N GLN A 122 -15.63 -21.42 10.63
CA GLN A 122 -15.60 -22.81 11.10
C GLN A 122 -15.76 -23.86 9.96
N TYR A 123 -15.11 -23.64 8.83
CA TYR A 123 -15.14 -24.56 7.71
C TYR A 123 -13.72 -24.96 7.50
N GLU A 124 -13.45 -26.26 7.48
CA GLU A 124 -12.09 -26.76 7.35
C GLU A 124 -11.95 -27.90 6.34
N ALA A 125 -12.89 -27.97 5.40
CA ALA A 125 -12.88 -28.96 4.34
C ALA A 125 -11.98 -28.51 3.18
N VAL A 126 -10.84 -27.92 3.53
CA VAL A 126 -9.88 -27.38 2.58
C VAL A 126 -8.53 -27.15 3.25
N ARG A 127 -7.45 -27.30 2.50
CA ARG A 127 -6.13 -27.16 3.07
C ARG A 127 -5.46 -25.80 2.81
N PRO A 128 -4.54 -25.42 3.71
CA PRO A 128 -3.68 -24.30 3.47
C PRO A 128 -2.81 -24.55 2.27
N ASP A 129 -2.76 -23.58 1.37
CA ASP A 129 -1.98 -23.71 0.17
C ASP A 129 -0.61 -24.24 0.51
N GLU A 130 0.04 -23.63 1.48
CA GLU A 130 1.37 -24.02 1.92
C GLU A 130 1.45 -25.53 2.22
N ALA A 131 0.37 -26.06 2.78
CA ALA A 131 0.26 -27.50 3.02
C ALA A 131 0.28 -28.29 1.73
N VAL A 132 -0.37 -27.81 0.69
CA VAL A 132 -0.38 -28.54 -0.56
C VAL A 132 0.91 -28.30 -1.36
N TYR A 133 1.30 -27.05 -1.48
CA TYR A 133 2.32 -26.69 -2.44
C TYR A 133 3.69 -26.75 -1.84
N GLY A 134 3.77 -26.78 -0.53
CA GLY A 134 5.06 -26.74 0.15
C GLY A 134 5.39 -25.28 0.42
N LYS A 135 6.65 -25.01 0.79
CA LYS A 135 7.16 -23.63 0.96
C LYS A 135 8.64 -23.50 0.60
N GLY A 136 8.97 -22.36 -0.01
CA GLY A 136 10.34 -22.03 -0.40
C GLY A 136 10.96 -23.01 -1.40
N ALA A 137 12.11 -23.56 -1.04
CA ALA A 137 12.81 -24.51 -1.93
C ALA A 137 11.96 -25.77 -2.17
N LYS A 138 10.94 -25.96 -1.36
CA LYS A 138 10.06 -27.15 -1.45
C LYS A 138 8.77 -26.89 -2.26
N ARG A 139 8.53 -25.62 -2.57
CA ARG A 139 7.38 -25.21 -3.32
C ARG A 139 7.39 -26.02 -4.61
N ALA A 140 6.23 -26.57 -4.98
CA ALA A 140 6.11 -27.38 -6.19
C ALA A 140 4.66 -27.79 -6.43
N VAL A 141 4.21 -27.66 -7.68
CA VAL A 141 2.90 -28.15 -8.02
C VAL A 141 2.99 -29.67 -7.89
N PRO A 142 2.01 -30.28 -7.20
CA PRO A 142 1.96 -31.73 -7.07
C PRO A 142 1.34 -32.36 -8.29
N ASP A 143 1.08 -33.67 -8.22
CA ASP A 143 0.48 -34.43 -9.32
C ASP A 143 -1.00 -34.14 -9.45
N GLU A 144 -1.55 -34.48 -10.61
CA GLU A 144 -2.92 -34.12 -10.96
C GLU A 144 -3.94 -34.55 -9.91
N PRO A 145 -3.77 -35.75 -9.33
CA PRO A 145 -4.84 -36.20 -8.44
C PRO A 145 -4.96 -35.32 -7.20
N VAL A 146 -3.82 -34.94 -6.63
CA VAL A 146 -3.76 -34.09 -5.43
C VAL A 146 -4.21 -32.66 -5.74
N LEU A 147 -3.57 -32.05 -6.73
CA LEU A 147 -3.96 -30.74 -7.29
C LEU A 147 -5.47 -30.62 -7.54
N ALA A 148 -6.00 -31.44 -8.43
CA ALA A 148 -7.42 -31.36 -8.77
C ALA A 148 -8.32 -31.39 -7.53
N GLU A 149 -7.92 -32.17 -6.53
CA GLU A 149 -8.75 -32.30 -5.36
C GLU A 149 -8.71 -31.01 -4.56
N HIS A 150 -7.51 -30.51 -4.34
CA HIS A 150 -7.32 -29.26 -3.64
C HIS A 150 -8.09 -28.12 -4.27
N LEU A 151 -7.92 -27.96 -5.58
CA LEU A 151 -8.58 -26.92 -6.32
C LEU A 151 -10.06 -27.03 -6.25
N VAL A 152 -10.59 -28.23 -6.29
CA VAL A 152 -12.05 -28.42 -6.19
C VAL A 152 -12.56 -28.13 -4.79
N ARG A 153 -11.71 -28.40 -3.81
CA ARG A 153 -12.07 -28.15 -2.44
C ARG A 153 -12.16 -26.65 -2.20
N LYS A 154 -11.17 -25.89 -2.67
CA LYS A 154 -11.20 -24.43 -2.60
C LYS A 154 -12.49 -23.92 -3.23
N ALA A 155 -12.74 -24.34 -4.47
CA ALA A 155 -13.96 -23.94 -5.18
C ALA A 155 -15.21 -24.23 -4.33
N ALA A 156 -15.28 -25.46 -3.83
CA ALA A 156 -16.41 -25.90 -3.00
C ALA A 156 -16.56 -24.97 -1.81
N ALA A 157 -15.45 -24.74 -1.13
CA ALA A 157 -15.39 -23.76 -0.05
C ALA A 157 -16.03 -22.43 -0.43
N ILE A 158 -15.52 -21.78 -1.48
CA ILE A 158 -16.05 -20.48 -1.92
C ILE A 158 -17.56 -20.56 -2.10
N TRP A 159 -18.02 -21.54 -2.88
CA TRP A 159 -19.45 -21.71 -3.11
C TRP A 159 -20.16 -21.72 -1.77
N ALA A 160 -19.60 -22.46 -0.81
CA ALA A 160 -20.25 -22.65 0.50
C ALA A 160 -20.36 -21.35 1.31
N LEU A 161 -19.26 -20.61 1.33
CA LEU A 161 -19.07 -19.52 2.26
C LEU A 161 -19.61 -18.14 1.81
N GLU A 162 -20.10 -18.04 0.58
CA GLU A 162 -20.49 -16.76 0.04
C GLU A 162 -21.58 -16.15 0.89
N ARG A 163 -22.70 -16.85 1.01
CA ARG A 163 -23.86 -16.33 1.71
C ARG A 163 -23.53 -15.92 3.14
N PRO A 164 -22.85 -16.77 3.91
CA PRO A 164 -22.48 -16.35 5.26
C PRO A 164 -21.58 -15.12 5.33
N PHE A 165 -20.61 -15.02 4.44
CA PHE A 165 -19.75 -13.86 4.47
C PHE A 165 -20.55 -12.63 4.10
N LEU A 166 -21.34 -12.74 3.04
CA LEU A 166 -22.12 -11.62 2.54
C LEU A 166 -23.15 -11.15 3.54
N ASP A 167 -23.75 -12.08 4.27
CA ASP A 167 -24.68 -11.78 5.37
C ASP A 167 -23.98 -10.97 6.50
N GLU A 168 -22.82 -11.44 6.97
CA GLU A 168 -22.10 -10.72 8.03
C GLU A 168 -21.79 -9.29 7.59
N LEU A 169 -21.10 -9.16 6.46
CA LEU A 169 -20.85 -7.87 5.83
C LEU A 169 -22.05 -6.94 5.94
N ARG A 170 -23.21 -7.43 5.52
CA ARG A 170 -24.43 -6.63 5.60
C ARG A 170 -24.77 -6.16 7.04
N ARG A 171 -24.68 -7.07 8.01
CA ARG A 171 -24.83 -6.71 9.41
C ARG A 171 -23.89 -5.57 9.78
N ASN A 172 -22.62 -5.71 9.43
CA ASN A 172 -21.63 -4.66 9.65
C ASN A 172 -21.79 -3.42 8.80
N GLU A 173 -22.77 -3.41 7.89
CA GLU A 173 -23.01 -2.27 7.01
C GLU A 173 -21.84 -2.07 6.06
N GLN A 174 -21.27 -3.19 5.60
CA GLN A 174 -20.12 -3.19 4.73
C GLN A 174 -20.40 -3.87 3.41
N ASP A 175 -21.66 -4.21 3.15
CA ASP A 175 -22.03 -4.88 1.88
C ASP A 175 -21.74 -4.04 0.62
N ARG A 176 -22.05 -2.76 0.70
CA ARG A 176 -21.80 -1.85 -0.39
C ARG A 176 -20.30 -1.61 -0.54
N LEU A 177 -19.62 -1.44 0.59
CA LEU A 177 -18.17 -1.29 0.60
C LEU A 177 -17.50 -2.38 -0.23
N LEU A 178 -18.02 -3.59 -0.20
CA LEU A 178 -17.43 -4.68 -0.96
C LEU A 178 -17.78 -4.54 -2.43
N VAL A 179 -19.06 -4.47 -2.71
CA VAL A 179 -19.54 -4.51 -4.10
C VAL A 179 -19.34 -3.20 -4.86
N GLU A 180 -19.25 -2.08 -4.16
CA GLU A 180 -19.12 -0.78 -4.84
C GLU A 180 -17.75 -0.12 -4.72
N LEU A 181 -16.97 -0.46 -3.69
CA LEU A 181 -15.65 0.12 -3.58
C LEU A 181 -14.56 -0.90 -3.85
N GLU A 182 -14.34 -1.84 -2.96
CA GLU A 182 -13.19 -2.75 -3.08
C GLU A 182 -13.19 -3.69 -4.29
N GLN A 183 -14.33 -4.24 -4.66
CA GLN A 183 -14.37 -5.15 -5.82
C GLN A 183 -14.19 -4.40 -7.13
N PRO A 184 -15.01 -3.35 -7.38
CA PRO A 184 -14.75 -2.53 -8.57
C PRO A 184 -13.31 -2.03 -8.64
N LEU A 185 -12.73 -1.68 -7.49
CA LEU A 185 -11.35 -1.21 -7.44
C LEU A 185 -10.36 -2.31 -7.81
N SER A 186 -10.77 -3.54 -7.58
CA SER A 186 -9.95 -4.68 -7.92
C SER A 186 -9.61 -4.66 -9.43
N SER A 187 -10.58 -4.29 -10.25
CA SER A 187 -10.43 -4.26 -11.71
C SER A 187 -9.44 -3.20 -12.20
N ILE A 188 -9.62 -1.99 -11.69
CA ILE A 188 -8.76 -0.89 -12.03
C ILE A 188 -7.32 -1.25 -11.73
N LEU A 189 -7.09 -1.86 -10.57
CA LEU A 189 -5.73 -2.26 -10.16
C LEU A 189 -5.17 -3.31 -11.10
N ALA A 190 -6.02 -4.25 -11.50
CA ALA A 190 -5.63 -5.25 -12.47
C ALA A 190 -5.03 -4.57 -13.72
N GLU A 191 -5.77 -3.61 -14.26
CA GLU A 191 -5.35 -2.86 -15.44
C GLU A 191 -4.11 -2.03 -15.21
N MET A 192 -4.05 -1.37 -14.07
CA MET A 192 -2.87 -0.58 -13.69
C MET A 192 -1.64 -1.47 -13.68
N GLU A 193 -1.77 -2.67 -13.15
CA GLU A 193 -0.64 -3.58 -13.02
C GLU A 193 -0.22 -4.14 -14.37
N PHE A 194 -1.21 -4.58 -15.15
CA PHE A 194 -1.00 -5.14 -16.49
C PHE A 194 -0.31 -4.14 -17.41
N ALA A 195 -0.81 -2.91 -17.39
CA ALA A 195 -0.22 -1.80 -18.11
C ALA A 195 1.29 -1.67 -17.78
N GLY A 196 1.58 -1.44 -16.51
CA GLY A 196 2.95 -1.25 -16.09
C GLY A 196 3.47 0.16 -16.36
N VAL A 197 4.71 0.40 -15.98
CA VAL A 197 5.34 1.69 -16.14
C VAL A 197 6.64 1.44 -16.88
N LYS A 198 6.93 2.25 -17.89
CA LYS A 198 8.18 2.08 -18.63
C LYS A 198 9.35 2.58 -17.85
N VAL A 199 10.46 1.86 -17.96
CA VAL A 199 11.73 2.25 -17.35
C VAL A 199 12.77 2.46 -18.44
N ASP A 200 13.34 3.66 -18.47
CA ASP A 200 14.52 3.95 -19.25
C ASP A 200 15.67 3.28 -18.55
N THR A 201 16.11 2.15 -19.08
CA THR A 201 17.15 1.38 -18.45
C THR A 201 18.50 2.06 -18.60
N LYS A 202 18.87 2.48 -19.80
CA LYS A 202 20.17 3.15 -20.01
C LYS A 202 20.35 4.27 -18.98
N ARG A 203 19.31 5.06 -18.80
CA ARG A 203 19.37 6.13 -17.85
C ARG A 203 19.68 5.49 -16.50
N LEU A 204 18.92 4.47 -16.11
CA LEU A 204 19.17 3.77 -14.85
C LEU A 204 20.59 3.21 -14.76
N GLU A 205 20.99 2.49 -15.79
CA GLU A 205 22.34 1.90 -15.85
C GLU A 205 23.47 2.91 -15.72
N GLN A 206 23.26 4.13 -16.25
CA GLN A 206 24.29 5.16 -16.14
C GLN A 206 24.34 5.59 -14.70
N MET A 207 23.18 5.84 -14.10
CA MET A 207 23.17 6.22 -12.69
C MET A 207 23.91 5.16 -11.87
N GLY A 208 23.68 3.90 -12.19
CA GLY A 208 24.43 2.78 -11.62
C GLY A 208 25.95 2.85 -11.80
N GLU A 209 26.39 3.48 -12.90
CA GLU A 209 27.83 3.69 -13.17
C GLU A 209 28.41 4.81 -12.28
N GLU A 210 27.74 5.96 -12.28
CA GLU A 210 28.21 7.09 -11.45
C GLU A 210 28.33 6.63 -9.99
N LEU A 211 27.24 6.07 -9.45
CA LEU A 211 27.19 5.57 -8.07
C LEU A 211 28.33 4.63 -7.78
N ALA A 212 28.61 3.72 -8.70
CA ALA A 212 29.66 2.72 -8.49
C ALA A 212 31.00 3.42 -8.27
N GLU A 213 31.22 4.49 -9.03
CA GLU A 213 32.45 5.26 -8.87
C GLU A 213 32.46 6.05 -7.56
N GLN A 214 31.34 6.69 -7.24
CA GLN A 214 31.26 7.46 -6.00
C GLN A 214 31.38 6.62 -4.73
N LEU A 215 30.73 5.46 -4.71
CA LEU A 215 30.85 4.53 -3.58
C LEU A 215 32.28 4.02 -3.41
N ARG A 216 32.93 3.70 -4.54
CA ARG A 216 34.33 3.24 -4.51
C ARG A 216 35.23 4.28 -3.87
N THR A 217 34.95 5.57 -4.13
CA THR A 217 35.71 6.66 -3.51
C THR A 217 35.46 6.67 -2.01
N VAL A 218 34.19 6.79 -1.59
CA VAL A 218 33.85 6.91 -0.15
C VAL A 218 34.36 5.68 0.61
N GLU A 219 34.13 4.52 0.03
CA GLU A 219 34.60 3.29 0.62
C GLU A 219 36.09 3.40 0.98
N GLN A 220 36.94 3.73 0.01
CA GLN A 220 38.37 3.83 0.28
C GLN A 220 38.68 4.77 1.46
N ARG A 221 38.15 5.98 1.37
CA ARG A 221 38.21 6.97 2.45
C ARG A 221 37.86 6.31 3.78
N ILE A 222 36.67 5.71 3.86
CA ILE A 222 36.22 5.12 5.12
C ILE A 222 37.30 4.22 5.70
N TYR A 223 37.87 3.35 4.86
CA TYR A 223 38.93 2.42 5.28
C TYR A 223 40.20 3.16 5.70
N GLU A 224 40.50 4.23 4.97
CA GLU A 224 41.64 5.11 5.22
C GLU A 224 41.47 5.82 6.56
N LEU A 225 40.30 6.44 6.75
CA LEU A 225 39.96 7.11 8.01
C LEU A 225 39.82 6.12 9.17
N ALA A 226 39.45 4.88 8.83
CA ALA A 226 39.28 3.83 9.84
C ALA A 226 40.61 3.22 10.16
N GLY A 227 41.54 3.38 9.22
CA GLY A 227 42.83 2.74 9.32
C GLY A 227 42.69 1.26 9.12
N GLN A 228 41.72 0.84 8.32
CA GLN A 228 41.41 -0.58 8.19
C GLN A 228 40.29 -0.90 7.14
N GLU A 229 40.17 -2.18 6.79
CA GLU A 229 39.05 -2.67 5.98
C GLU A 229 38.09 -3.57 6.79
N PHE A 230 36.81 -3.46 6.52
CA PHE A 230 35.83 -4.26 7.24
C PHE A 230 34.57 -4.19 6.41
N ASN A 231 33.57 -5.00 6.73
CA ASN A 231 32.31 -4.89 6.01
C ASN A 231 31.49 -3.76 6.60
N ILE A 232 31.46 -2.67 5.87
CA ILE A 232 30.76 -1.47 6.28
C ILE A 232 29.26 -1.71 6.41
N ASN A 233 28.73 -2.68 5.66
CA ASN A 233 27.30 -2.98 5.72
C ASN A 233 26.93 -3.90 6.86
N SER A 234 27.90 -4.27 7.68
CA SER A 234 27.64 -5.12 8.85
C SER A 234 27.39 -4.32 10.14
N PRO A 235 26.18 -4.40 10.68
CA PRO A 235 25.95 -3.56 11.88
C PRO A 235 26.96 -3.94 12.99
N LYS A 236 27.38 -5.20 13.01
CA LYS A 236 28.26 -5.72 14.03
C LYS A 236 29.70 -5.26 13.78
N GLN A 237 30.19 -5.41 12.55
CA GLN A 237 31.57 -5.08 12.24
C GLN A 237 31.86 -3.59 12.38
N LEU A 238 30.91 -2.77 11.94
CA LEU A 238 31.07 -1.32 11.99
C LEU A 238 31.05 -0.83 13.44
N GLY A 239 30.10 -1.36 14.21
CA GLY A 239 29.96 -1.05 15.63
C GLY A 239 31.23 -1.31 16.43
N VAL A 240 32.11 -2.14 15.89
CA VAL A 240 33.40 -2.40 16.51
C VAL A 240 34.37 -1.31 16.14
N ILE A 241 34.38 -0.86 14.90
CA ILE A 241 35.27 0.25 14.52
C ILE A 241 34.84 1.53 15.25
N LEU A 242 33.56 1.88 15.19
CA LEU A 242 33.12 3.14 15.79
C LEU A 242 33.24 3.15 17.31
N PHE A 243 32.56 2.22 17.95
CA PHE A 243 32.44 2.28 19.40
C PHE A 243 33.58 1.63 20.19
N GLU A 244 34.43 0.83 19.54
CA GLU A 244 35.57 0.25 20.25
C GLU A 244 36.88 0.84 19.79
N LYS A 245 37.18 0.78 18.51
CA LYS A 245 38.48 1.29 18.05
C LYS A 245 38.61 2.83 18.12
N LEU A 246 37.57 3.58 17.75
CA LEU A 246 37.64 5.04 17.79
C LEU A 246 37.01 5.59 19.06
N GLN A 247 36.50 4.69 19.90
CA GLN A 247 35.93 5.05 21.20
C GLN A 247 34.82 6.09 21.10
N LEU A 248 34.01 6.00 20.05
CA LEU A 248 32.88 6.91 19.94
C LEU A 248 31.87 6.62 21.05
N PRO A 249 31.19 7.65 21.55
CA PRO A 249 30.15 7.49 22.56
C PRO A 249 28.98 6.62 22.13
N VAL A 250 28.65 5.64 22.95
CA VAL A 250 27.48 4.83 22.70
C VAL A 250 26.28 5.61 23.20
N LEU A 251 25.46 6.09 22.27
CA LEU A 251 24.26 6.83 22.64
C LEU A 251 23.03 5.93 22.60
N LYS A 252 23.18 4.73 22.04
CA LYS A 252 22.06 3.81 21.88
C LYS A 252 22.48 2.38 21.65
N LYS A 253 21.68 1.49 22.23
CA LYS A 253 21.83 0.06 22.08
C LYS A 253 20.63 -0.43 21.29
N SER A 254 20.86 -1.38 20.42
CA SER A 254 19.81 -2.08 19.71
C SER A 254 19.63 -3.35 20.52
N LYS A 255 18.57 -4.11 20.25
CA LYS A 255 18.37 -5.39 20.94
C LYS A 255 19.64 -6.26 21.00
N THR A 256 20.43 -6.27 19.92
CA THR A 256 21.51 -7.24 19.80
C THR A 256 22.91 -6.64 19.88
N GLY A 257 23.02 -5.31 20.02
CA GLY A 257 24.34 -4.65 20.05
C GLY A 257 24.15 -3.16 20.06
N TYR A 258 25.21 -2.39 19.77
CA TYR A 258 25.07 -0.92 19.70
C TYR A 258 24.50 -0.48 18.36
N SER A 259 23.66 0.55 18.41
CA SER A 259 22.96 1.07 17.23
C SER A 259 23.83 2.00 16.38
N THR A 260 23.82 1.78 15.07
CA THR A 260 24.51 2.63 14.08
C THR A 260 23.57 3.31 13.09
N SER A 261 22.34 3.59 13.52
CA SER A 261 21.36 4.24 12.66
C SER A 261 21.84 5.64 12.33
N ALA A 262 21.19 6.27 11.36
CA ALA A 262 21.56 7.61 10.92
C ALA A 262 21.40 8.57 12.06
N ASP A 263 20.33 8.41 12.84
CA ASP A 263 20.07 9.30 13.98
C ASP A 263 21.24 9.30 14.97
N VAL A 264 21.81 8.15 15.27
CA VAL A 264 22.92 8.10 16.18
C VAL A 264 24.17 8.73 15.55
N LEU A 265 24.45 8.40 14.29
CA LEU A 265 25.66 8.88 13.63
C LEU A 265 25.66 10.41 13.44
N GLU A 266 24.49 10.99 13.22
CA GLU A 266 24.39 12.45 13.06
C GLU A 266 24.99 13.15 14.26
N LYS A 267 24.75 12.60 15.45
CA LYS A 267 25.22 13.20 16.69
C LYS A 267 26.70 12.93 16.92
N LEU A 268 27.21 11.86 16.34
CA LEU A 268 28.61 11.47 16.51
C LEU A 268 29.56 12.13 15.50
N ALA A 269 28.99 12.90 14.58
CA ALA A 269 29.76 13.47 13.49
C ALA A 269 30.86 14.40 13.96
N PRO A 270 30.55 15.26 14.94
CA PRO A 270 31.58 16.18 15.39
C PRO A 270 32.84 15.50 15.91
N TYR A 271 32.76 14.23 16.32
CA TYR A 271 33.87 13.55 16.95
C TYR A 271 34.90 13.00 15.97
N HIS A 272 34.48 12.60 14.79
CA HIS A 272 35.42 11.96 13.87
C HIS A 272 34.93 12.17 12.43
N GLU A 273 35.87 12.36 11.52
CA GLU A 273 35.52 12.58 10.12
C GLU A 273 34.90 11.34 9.44
N ILE A 274 35.09 10.18 10.03
CA ILE A 274 34.62 8.92 9.48
C ILE A 274 33.11 8.86 9.45
N VAL A 275 32.46 9.55 10.38
CA VAL A 275 31.01 9.47 10.50
C VAL A 275 30.29 9.98 9.24
N GLU A 276 30.64 11.19 8.79
CA GLU A 276 29.98 11.82 7.63
C GLU A 276 30.17 10.92 6.41
N ASN A 277 31.33 10.30 6.33
CA ASN A 277 31.64 9.41 5.22
C ASN A 277 30.82 8.15 5.25
N ILE A 278 30.53 7.61 6.44
CA ILE A 278 29.63 6.45 6.56
C ILE A 278 28.20 6.80 6.10
N LEU A 279 27.61 7.86 6.61
CA LEU A 279 26.24 8.22 6.25
C LEU A 279 26.12 8.47 4.75
N HIS A 280 27.11 9.15 4.22
CA HIS A 280 27.20 9.38 2.79
C HIS A 280 27.27 8.04 2.01
N TYR A 281 28.06 7.11 2.51
CA TYR A 281 28.12 5.77 1.95
C TYR A 281 26.77 5.02 1.98
N ARG A 282 26.06 5.14 3.09
CA ARG A 282 24.78 4.47 3.28
C ARG A 282 23.71 5.00 2.31
N GLN A 283 23.75 6.31 2.09
CA GLN A 283 22.81 6.95 1.20
C GLN A 283 23.01 6.44 -0.22
N LEU A 284 24.24 6.59 -0.72
CA LEU A 284 24.59 6.09 -2.03
C LEU A 284 24.49 4.58 -2.09
N GLY A 285 24.55 3.91 -0.96
CA GLY A 285 24.43 2.45 -0.98
C GLY A 285 22.99 1.99 -1.11
N LYS A 286 22.08 2.67 -0.42
CA LYS A 286 20.69 2.28 -0.49
C LYS A 286 20.25 2.38 -1.95
N LEU A 287 20.58 3.52 -2.56
CA LEU A 287 20.27 3.75 -3.96
C LEU A 287 20.79 2.66 -4.88
N GLN A 288 22.04 2.25 -4.68
CA GLN A 288 22.61 1.16 -5.47
C GLN A 288 21.86 -0.17 -5.31
N SER A 289 21.56 -0.56 -4.09
CA SER A 289 21.03 -1.91 -3.86
C SER A 289 19.56 -2.01 -4.21
N THR A 290 18.80 -0.99 -3.84
CA THR A 290 17.35 -1.06 -3.91
C THR A 290 16.78 -0.34 -5.09
N TYR A 291 17.42 0.75 -5.50
CA TYR A 291 16.82 1.60 -6.50
C TYR A 291 17.49 1.59 -7.89
N ILE A 292 18.70 1.05 -8.00
CA ILE A 292 19.30 0.86 -9.31
C ILE A 292 19.41 -0.63 -9.60
N GLU A 293 20.08 -1.36 -8.73
CA GLU A 293 20.24 -2.80 -8.91
C GLU A 293 18.97 -3.59 -8.69
N GLY A 294 18.23 -3.24 -7.63
CA GLY A 294 16.95 -3.86 -7.33
C GLY A 294 15.92 -3.69 -8.42
N LEU A 295 15.91 -2.54 -9.08
CA LEU A 295 14.92 -2.20 -10.11
C LEU A 295 15.30 -2.87 -11.43
N LEU A 296 16.53 -2.64 -11.87
CA LEU A 296 17.00 -3.24 -13.11
C LEU A 296 16.81 -4.74 -13.10
N LYS A 297 16.76 -5.31 -11.91
CA LYS A 297 16.55 -6.74 -11.79
C LYS A 297 15.07 -7.12 -11.97
N VAL A 298 14.12 -6.22 -11.73
CA VAL A 298 12.69 -6.56 -11.97
C VAL A 298 12.09 -5.94 -13.22
N VAL A 299 12.88 -5.23 -14.00
CA VAL A 299 12.40 -4.70 -15.28
C VAL A 299 12.33 -5.86 -16.22
N ARG A 300 11.18 -6.04 -16.87
CA ARG A 300 11.04 -7.05 -17.89
C ARG A 300 11.75 -6.64 -19.16
N PRO A 301 12.71 -7.44 -19.60
CA PRO A 301 13.52 -7.12 -20.75
C PRO A 301 12.73 -7.02 -22.05
N ASP A 302 11.65 -7.79 -22.14
CA ASP A 302 10.82 -7.80 -23.32
C ASP A 302 10.20 -6.43 -23.55
N THR A 303 9.60 -5.84 -22.54
CA THR A 303 8.95 -4.54 -22.75
C THR A 303 9.58 -3.37 -22.01
N LYS A 304 10.65 -3.65 -21.28
CA LYS A 304 11.35 -2.65 -20.51
C LYS A 304 10.38 -2.02 -19.56
N LYS A 305 9.53 -2.86 -18.99
CA LYS A 305 8.48 -2.39 -18.10
C LYS A 305 8.60 -3.07 -16.76
N VAL A 306 8.07 -2.41 -15.73
CA VAL A 306 7.86 -3.02 -14.42
C VAL A 306 6.36 -3.10 -14.21
N HIS A 307 5.92 -4.27 -13.76
CA HIS A 307 4.54 -4.45 -13.40
C HIS A 307 4.50 -4.81 -11.91
N THR A 308 4.22 -3.83 -11.08
CA THR A 308 4.08 -4.06 -9.65
C THR A 308 2.83 -4.84 -9.38
N ILE A 309 2.75 -5.40 -8.19
CA ILE A 309 1.54 -6.03 -7.71
C ILE A 309 1.05 -5.16 -6.58
N PHE A 310 -0.23 -4.87 -6.56
CA PHE A 310 -0.80 -4.04 -5.53
C PHE A 310 -1.53 -4.96 -4.56
N ASN A 311 -1.06 -5.07 -3.33
CA ASN A 311 -1.80 -5.84 -2.35
C ASN A 311 -2.92 -4.96 -1.79
N GLN A 312 -4.13 -5.45 -1.97
CA GLN A 312 -5.34 -4.75 -1.60
C GLN A 312 -5.91 -5.28 -0.27
N ALA A 313 -5.50 -6.49 0.13
CA ALA A 313 -6.03 -7.10 1.34
C ALA A 313 -4.93 -7.44 2.29
N LEU A 314 -4.09 -6.46 2.63
CA LEU A 314 -2.95 -6.67 3.55
C LEU A 314 -2.85 -5.62 4.66
N THR A 315 -2.95 -4.35 4.33
CA THR A 315 -2.73 -3.31 5.33
C THR A 315 -3.86 -3.23 6.35
N GLN A 316 -3.47 -3.03 7.60
CA GLN A 316 -4.41 -2.92 8.71
C GLN A 316 -5.35 -1.71 8.64
N THR A 317 -5.05 -0.71 7.80
CA THR A 317 -5.79 0.57 7.79
C THR A 317 -6.74 0.79 6.61
N GLY A 318 -6.47 0.09 5.51
CA GLY A 318 -7.31 0.19 4.29
C GLY A 318 -6.50 0.69 3.12
N ARG A 319 -5.22 0.94 3.37
CA ARG A 319 -4.32 1.40 2.37
C ARG A 319 -3.94 0.24 1.50
N LEU A 320 -3.27 0.56 0.40
CA LEU A 320 -2.70 -0.44 -0.49
C LEU A 320 -1.23 -0.61 -0.11
N SER A 321 -0.59 -1.59 -0.71
CA SER A 321 0.84 -1.73 -0.66
C SER A 321 1.19 -2.29 -2.04
N SER A 322 2.39 -2.03 -2.52
CA SER A 322 2.80 -2.52 -3.82
C SER A 322 4.09 -3.29 -3.65
N THR A 323 4.32 -4.26 -4.53
CA THR A 323 5.44 -5.18 -4.38
C THR A 323 6.16 -5.49 -5.67
N GLU A 324 7.47 -5.66 -5.56
CA GLU A 324 8.30 -6.30 -6.59
C GLU A 324 8.10 -5.68 -7.98
N PRO A 325 8.42 -4.39 -8.11
CA PRO A 325 9.00 -3.55 -7.10
C PRO A 325 7.95 -2.76 -6.34
N ASN A 326 8.38 -2.24 -5.19
CA ASN A 326 7.58 -1.29 -4.45
C ASN A 326 7.72 0.05 -5.14
N LEU A 327 6.66 0.48 -5.79
CA LEU A 327 6.64 1.76 -6.47
C LEU A 327 5.96 2.83 -5.59
N GLN A 328 5.83 2.55 -4.30
CA GLN A 328 5.32 3.56 -3.37
C GLN A 328 6.40 4.13 -2.49
N ASN A 329 7.62 3.61 -2.58
CA ASN A 329 8.76 4.21 -1.83
C ASN A 329 9.92 4.71 -2.71
N ILE A 330 9.63 5.14 -3.93
CA ILE A 330 10.68 5.71 -4.76
C ILE A 330 11.07 7.07 -4.19
N PRO A 331 12.39 7.28 -4.02
CA PRO A 331 12.92 8.41 -3.29
C PRO A 331 12.56 9.75 -3.92
N ILE A 332 12.17 10.68 -3.05
CA ILE A 332 11.78 12.00 -3.48
C ILE A 332 12.33 13.13 -2.62
N ARG A 333 12.69 12.81 -1.38
CA ARG A 333 13.05 13.83 -0.39
C ARG A 333 14.39 14.54 -0.63
N LEU A 334 15.41 13.79 -0.99
CA LEU A 334 16.72 14.34 -1.28
C LEU A 334 16.99 14.30 -2.77
N GLU A 335 17.60 15.36 -3.27
CA GLU A 335 17.78 15.53 -4.69
C GLU A 335 18.55 14.37 -5.32
N GLU A 336 19.57 13.88 -4.65
CA GLU A 336 20.35 12.80 -5.21
C GLU A 336 19.46 11.65 -5.61
N GLY A 337 18.61 11.22 -4.67
CA GLY A 337 17.72 10.09 -4.89
C GLY A 337 16.54 10.41 -5.77
N ARG A 338 15.98 11.62 -5.65
CA ARG A 338 14.83 12.05 -6.45
C ARG A 338 15.06 11.83 -7.93
N LYS A 339 16.31 11.93 -8.35
CA LYS A 339 16.70 11.76 -9.76
C LYS A 339 16.50 10.36 -10.30
N ILE A 340 16.31 9.38 -9.42
CA ILE A 340 15.88 8.04 -9.83
C ILE A 340 14.54 8.03 -10.59
N ARG A 341 13.71 9.05 -10.38
CA ARG A 341 12.44 9.16 -11.07
C ARG A 341 12.57 9.62 -12.53
N GLN A 342 13.76 10.09 -12.94
CA GLN A 342 14.01 10.41 -14.36
C GLN A 342 13.99 9.15 -15.22
N ALA A 343 14.14 7.99 -14.58
CA ALA A 343 14.12 6.72 -15.26
C ALA A 343 12.70 6.14 -15.45
N PHE A 344 11.68 6.84 -14.96
CA PHE A 344 10.30 6.40 -15.16
C PHE A 344 9.70 7.29 -16.21
N VAL A 345 9.29 6.68 -17.31
CA VAL A 345 8.98 7.43 -18.51
C VAL A 345 7.69 6.93 -19.11
N PRO A 346 7.07 7.75 -19.99
CA PRO A 346 5.81 7.31 -20.60
C PRO A 346 6.06 6.12 -21.51
N SER A 347 5.01 5.34 -21.75
CA SER A 347 5.15 4.03 -22.42
C SER A 347 5.06 4.15 -23.92
N GLU A 348 4.51 5.29 -24.36
CA GLU A 348 4.40 5.59 -25.78
C GLU A 348 5.19 6.84 -26.09
N SER A 349 5.24 7.19 -27.36
CA SER A 349 5.92 8.40 -27.81
C SER A 349 4.92 9.56 -27.80
N ASP A 350 5.40 10.73 -27.39
CA ASP A 350 4.58 11.95 -27.31
C ASP A 350 3.61 11.94 -26.17
N TRP A 351 3.84 11.04 -25.24
CA TRP A 351 3.01 10.96 -24.07
C TRP A 351 3.74 11.65 -22.94
N LEU A 352 3.03 11.98 -21.89
CA LEU A 352 3.64 12.61 -20.72
C LEU A 352 3.13 11.96 -19.43
N ILE A 353 3.94 12.00 -18.38
CA ILE A 353 3.51 11.55 -17.04
C ILE A 353 2.75 12.67 -16.35
N PHE A 354 1.68 12.34 -15.64
CA PHE A 354 0.83 13.34 -14.95
C PHE A 354 0.53 12.89 -13.51
N ALA A 355 0.91 13.71 -12.53
CA ALA A 355 0.75 13.38 -11.11
C ALA A 355 -0.18 14.34 -10.37
N ALA A 356 -1.28 13.84 -9.83
CA ALA A 356 -2.17 14.68 -8.99
C ALA A 356 -2.16 14.16 -7.56
N ASP A 357 -1.83 15.03 -6.62
CA ASP A 357 -1.79 14.67 -5.19
C ASP A 357 -2.78 15.46 -4.36
N TYR A 358 -3.20 14.85 -3.26
CA TYR A 358 -4.02 15.54 -2.29
C TYR A 358 -3.14 16.33 -1.33
N SER A 359 -3.57 17.57 -1.07
CA SER A 359 -2.93 18.47 -0.13
C SER A 359 -3.52 18.30 1.27
N GLN A 360 -2.64 17.82 2.16
CA GLN A 360 -2.90 17.56 3.57
C GLN A 360 -4.25 16.88 3.80
N ILE A 361 -4.44 15.73 3.16
CA ILE A 361 -5.72 15.05 3.22
C ILE A 361 -6.03 14.57 4.62
N GLU A 362 -5.02 14.03 5.31
CA GLU A 362 -5.21 13.45 6.63
C GLU A 362 -5.78 14.49 7.56
N LEU A 363 -5.07 15.61 7.65
CA LEU A 363 -5.50 16.70 8.52
C LEU A 363 -6.85 17.28 8.12
N ARG A 364 -7.18 17.22 6.85
CA ARG A 364 -8.51 17.61 6.41
C ARG A 364 -9.57 16.64 6.87
N VAL A 365 -9.26 15.34 6.80
CA VAL A 365 -10.12 14.32 7.41
C VAL A 365 -10.30 14.53 8.95
N LEU A 366 -9.20 14.84 9.64
CA LEU A 366 -9.27 15.13 11.06
C LEU A 366 -10.21 16.29 11.33
N ALA A 367 -10.06 17.35 10.55
CA ALA A 367 -10.94 18.50 10.70
C ALA A 367 -12.39 18.04 10.64
N HIS A 368 -12.74 17.31 9.59
CA HIS A 368 -14.11 16.85 9.38
C HIS A 368 -14.66 15.95 10.50
N ILE A 369 -13.93 14.92 10.88
CA ILE A 369 -14.45 13.97 11.89
C ILE A 369 -14.55 14.59 13.29
N ALA A 370 -13.47 15.25 13.71
CA ALA A 370 -13.42 15.91 15.02
C ALA A 370 -14.38 17.08 15.14
N GLU A 371 -14.73 17.68 14.02
CA GLU A 371 -15.54 18.90 13.97
C GLU A 371 -14.94 20.04 14.79
N ASP A 372 -13.61 20.14 14.77
CA ASP A 372 -12.92 21.24 15.45
C ASP A 372 -13.11 22.52 14.60
N ASP A 373 -13.58 23.58 15.25
CA ASP A 373 -13.92 24.82 14.57
C ASP A 373 -12.67 25.56 14.08
N ASN A 374 -11.66 25.59 14.93
CA ASN A 374 -10.44 26.29 14.62
C ASN A 374 -9.80 25.64 13.41
N LEU A 375 -9.74 24.30 13.43
CA LEU A 375 -9.20 23.57 12.30
C LEU A 375 -10.07 23.66 11.05
N MET A 376 -11.38 23.57 11.16
CA MET A 376 -12.24 23.71 9.98
C MET A 376 -11.99 25.04 9.32
N GLU A 377 -11.85 26.07 10.15
CA GLU A 377 -11.62 27.40 9.61
C GLU A 377 -10.32 27.43 8.83
N ALA A 378 -9.25 26.98 9.46
CA ALA A 378 -7.94 27.00 8.81
C ALA A 378 -7.99 26.42 7.40
N PHE A 379 -8.76 25.37 7.21
CA PHE A 379 -8.89 24.75 5.89
C PHE A 379 -9.84 25.50 4.95
N ARG A 380 -10.88 26.14 5.50
CA ARG A 380 -11.74 26.94 4.68
C ARG A 380 -11.02 28.20 4.20
N ARG A 381 -9.97 28.59 4.90
CA ARG A 381 -9.10 29.71 4.47
C ARG A 381 -7.97 29.26 3.56
N ASP A 382 -7.86 27.96 3.35
CA ASP A 382 -6.74 27.37 2.64
C ASP A 382 -5.38 27.86 3.15
N LEU A 383 -5.24 27.88 4.47
CA LEU A 383 -4.04 28.33 5.13
C LEU A 383 -2.94 27.31 5.05
N ASP A 384 -1.71 27.74 5.28
CA ASP A 384 -0.62 26.82 5.55
C ASP A 384 -0.91 26.34 6.96
N ILE A 385 -1.03 25.04 7.16
CA ILE A 385 -1.54 24.55 8.40
C ILE A 385 -0.45 24.45 9.42
N HIS A 386 0.77 24.23 8.98
CA HIS A 386 1.87 24.20 9.91
C HIS A 386 2.15 25.56 10.48
N THR A 387 2.20 26.57 9.62
CA THR A 387 2.31 27.96 10.07
C THR A 387 1.17 28.30 11.02
N LYS A 388 -0.05 27.95 10.62
CA LYS A 388 -1.24 28.21 11.44
C LYS A 388 -1.12 27.59 12.85
N THR A 389 -0.67 26.34 12.90
CA THR A 389 -0.46 25.65 14.18
C THR A 389 0.63 26.32 15.01
N ALA A 390 1.77 26.59 14.36
CA ALA A 390 2.84 27.37 14.99
C ALA A 390 2.30 28.69 15.60
N MET A 391 1.46 29.41 14.86
CA MET A 391 0.82 30.63 15.38
C MET A 391 0.02 30.42 16.65
N ASP A 392 -0.74 29.34 16.70
CA ASP A 392 -1.60 29.09 17.87
C ASP A 392 -0.86 28.51 19.05
N ILE A 393 -0.12 27.39 18.88
CA ILE A 393 0.58 26.80 20.04
C ILE A 393 1.66 27.71 20.59
N PHE A 394 2.29 28.53 19.75
CA PHE A 394 3.29 29.49 20.28
C PHE A 394 2.79 30.91 20.48
N GLN A 395 1.49 31.15 20.37
CA GLN A 395 0.91 32.48 20.62
C GLN A 395 1.62 33.64 19.89
N VAL A 396 1.81 33.53 18.59
CA VAL A 396 2.46 34.59 17.84
C VAL A 396 1.67 34.93 16.58
N SER A 397 2.07 36.00 15.92
CA SER A 397 1.46 36.42 14.65
C SER A 397 2.17 35.75 13.47
N GLU A 398 1.54 35.78 12.30
CA GLU A 398 2.10 35.13 11.12
C GLU A 398 3.57 35.48 10.94
N ASP A 399 3.89 36.75 11.13
CA ASP A 399 5.25 37.25 10.86
C ASP A 399 6.24 36.85 11.97
N GLU A 400 5.73 36.40 13.11
CA GLU A 400 6.59 35.91 14.15
C GLU A 400 7.00 34.45 13.95
N VAL A 401 6.29 33.69 13.11
CA VAL A 401 6.65 32.26 12.96
C VAL A 401 8.02 32.11 12.29
N THR A 402 8.98 31.59 13.04
CA THR A 402 10.31 31.32 12.53
C THR A 402 10.34 29.96 11.87
N PRO A 403 11.38 29.67 11.08
CA PRO A 403 11.44 28.35 10.45
C PRO A 403 11.44 27.20 11.41
N ASN A 404 12.11 27.30 12.53
CA ASN A 404 12.10 26.20 13.48
C ASN A 404 10.75 26.05 14.15
N MET A 405 10.10 27.16 14.52
CA MET A 405 8.76 27.11 15.08
C MET A 405 7.82 26.34 14.16
N ARG A 406 8.02 26.48 12.85
CA ARG A 406 7.21 25.77 11.88
C ARG A 406 7.58 24.30 11.75
N ARG A 407 8.87 24.01 11.83
CA ARG A 407 9.36 22.64 11.81
C ARG A 407 8.77 21.83 12.96
N GLN A 408 8.58 22.49 14.10
CA GLN A 408 8.08 21.82 15.28
C GLN A 408 6.57 21.72 15.26
N ALA A 409 5.86 22.77 14.86
CA ALA A 409 4.39 22.68 14.74
C ALA A 409 3.99 21.60 13.74
N LYS A 410 4.89 21.31 12.80
CA LYS A 410 4.76 20.15 11.92
C LYS A 410 4.90 18.81 12.69
N ALA A 411 6.09 18.56 13.24
CA ALA A 411 6.33 17.42 14.12
C ALA A 411 5.12 17.08 15.02
N VAL A 412 4.53 18.11 15.62
CA VAL A 412 3.36 17.92 16.45
C VAL A 412 2.19 17.45 15.60
N ASN A 413 1.95 18.11 14.47
CA ASN A 413 0.76 17.84 13.68
C ASN A 413 0.67 16.36 13.37
N PHE A 414 1.77 15.78 12.92
CA PHE A 414 1.82 14.36 12.63
C PHE A 414 1.77 13.54 13.91
N GLY A 415 2.22 14.13 15.00
CA GLY A 415 2.03 13.53 16.32
C GLY A 415 0.56 13.34 16.62
N ILE A 416 -0.20 14.40 16.42
CA ILE A 416 -1.64 14.34 16.57
C ILE A 416 -2.23 13.32 15.62
N VAL A 417 -1.78 13.32 14.37
CA VAL A 417 -2.35 12.41 13.38
C VAL A 417 -2.14 10.98 13.82
N TYR A 418 -0.92 10.69 14.28
CA TYR A 418 -0.57 9.35 14.73
C TYR A 418 -1.01 9.04 16.15
N GLY A 419 -1.57 10.04 16.84
CA GLY A 419 -2.04 9.88 18.21
C GLY A 419 -0.89 9.85 19.21
N ILE A 420 0.30 10.27 18.76
CA ILE A 420 1.50 10.15 19.54
C ILE A 420 1.38 10.79 20.94
N SER A 421 2.17 10.19 21.82
CA SER A 421 2.34 10.61 23.20
C SER A 421 3.49 11.60 23.31
N ASP A 422 3.61 12.18 24.49
CA ASP A 422 4.73 13.07 24.74
C ASP A 422 6.06 12.39 24.40
N TYR A 423 6.20 11.12 24.80
CA TYR A 423 7.44 10.37 24.58
C TYR A 423 7.78 10.23 23.09
N GLY A 424 6.80 9.91 22.27
CA GLY A 424 7.04 9.74 20.82
C GLY A 424 7.45 11.06 20.17
N LEU A 425 6.82 12.13 20.65
CA LEU A 425 7.11 13.48 20.21
C LEU A 425 8.48 13.88 20.75
N ALA A 426 8.70 13.58 22.02
CA ALA A 426 9.95 13.93 22.70
C ALA A 426 11.13 13.52 21.82
N GLN A 427 11.28 12.24 21.56
CA GLN A 427 12.39 11.77 20.74
C GLN A 427 12.33 12.42 19.35
N ASN A 428 11.13 12.49 18.79
CA ASN A 428 10.96 13.00 17.43
C ASN A 428 11.47 14.42 17.27
N LEU A 429 11.20 15.27 18.27
CA LEU A 429 11.69 16.64 18.26
C LEU A 429 13.10 16.73 18.89
N ASN A 430 13.56 15.60 19.43
CA ASN A 430 14.87 15.50 20.08
C ASN A 430 14.92 15.94 21.53
N ILE A 431 13.75 16.12 22.15
CA ILE A 431 13.66 16.71 23.51
C ILE A 431 13.08 15.79 24.60
N SER A 432 12.39 16.40 25.58
CA SER A 432 11.87 15.65 26.73
C SER A 432 10.34 15.72 26.85
N ARG A 433 9.78 14.65 27.39
CA ARG A 433 8.35 14.51 27.63
C ARG A 433 7.74 15.56 28.57
N LYS A 434 8.54 16.08 29.46
CA LYS A 434 8.04 17.09 30.38
C LYS A 434 7.57 18.30 29.55
N GLU A 435 8.34 18.61 28.51
CA GLU A 435 8.03 19.74 27.60
C GLU A 435 7.16 19.38 26.38
N ALA A 436 7.22 18.11 25.98
CA ALA A 436 6.40 17.54 24.89
C ALA A 436 4.89 17.52 25.21
N ALA A 437 4.58 17.37 26.49
CA ALA A 437 3.20 17.38 26.95
C ALA A 437 2.68 18.82 27.03
N GLU A 438 3.61 19.77 27.17
CA GLU A 438 3.26 21.20 27.25
C GLU A 438 2.76 21.67 25.88
N PHE A 439 3.45 21.23 24.83
CA PHE A 439 3.01 21.47 23.46
C PHE A 439 1.63 20.86 23.29
N ILE A 440 1.51 19.57 23.62
CA ILE A 440 0.25 18.86 23.45
C ILE A 440 -0.89 19.54 24.21
N GLU A 441 -0.68 19.83 25.47
CA GLU A 441 -1.68 20.55 26.23
C GLU A 441 -2.00 21.85 25.52
N ARG A 442 -0.96 22.48 24.99
CA ARG A 442 -1.12 23.75 24.33
C ARG A 442 -1.85 23.63 22.98
N TYR A 443 -1.61 22.52 22.28
CA TYR A 443 -2.31 22.21 21.03
C TYR A 443 -3.82 22.08 21.28
N PHE A 444 -4.17 21.22 22.22
CA PHE A 444 -5.56 20.93 22.52
C PHE A 444 -6.31 22.13 23.07
N GLU A 445 -5.58 23.15 23.53
CA GLU A 445 -6.19 24.42 23.97
C GLU A 445 -6.65 25.25 22.78
N SER A 446 -5.89 25.21 21.69
CA SER A 446 -6.30 25.84 20.41
C SER A 446 -7.23 24.95 19.58
N PHE A 447 -7.20 23.64 19.87
CA PHE A 447 -8.03 22.66 19.16
C PHE A 447 -8.84 21.76 20.10
N PRO A 448 -9.76 22.37 20.88
CA PRO A 448 -10.59 21.59 21.82
C PRO A 448 -11.36 20.43 21.18
N GLY A 449 -11.76 20.60 19.92
CA GLY A 449 -12.50 19.57 19.19
C GLY A 449 -11.69 18.33 18.83
N VAL A 450 -10.43 18.53 18.50
CA VAL A 450 -9.56 17.41 18.27
C VAL A 450 -9.28 16.66 19.56
N LYS A 451 -9.01 17.38 20.65
CA LYS A 451 -8.90 16.77 21.98
C LYS A 451 -10.13 15.92 22.26
N ARG A 452 -11.28 16.56 22.14
CA ARG A 452 -12.56 15.91 22.30
C ARG A 452 -12.67 14.60 21.46
N TYR A 453 -12.12 14.62 20.24
CA TYR A 453 -12.12 13.44 19.35
C TYR A 453 -11.23 12.31 19.89
N MET A 454 -10.01 12.63 20.26
CA MET A 454 -9.11 11.64 20.83
C MET A 454 -9.77 10.90 22.01
N GLU A 455 -10.45 11.65 22.87
CA GLU A 455 -11.15 11.07 24.02
C GLU A 455 -12.29 10.16 23.58
N ASN A 456 -13.25 10.72 22.85
CA ASN A 456 -14.38 9.95 22.35
C ASN A 456 -13.96 8.71 21.58
N ILE A 457 -12.88 8.80 20.81
CA ILE A 457 -12.56 7.70 19.92
C ILE A 457 -12.04 6.53 20.72
N VAL A 458 -11.11 6.80 21.64
CA VAL A 458 -10.46 5.74 22.42
C VAL A 458 -11.50 4.93 23.19
N GLN A 459 -12.47 5.68 23.68
CA GLN A 459 -13.60 5.22 24.43
C GLN A 459 -14.63 4.37 23.64
N GLU A 460 -14.94 4.83 22.45
CA GLU A 460 -15.76 4.06 21.54
C GLU A 460 -15.03 2.77 21.17
N ALA A 461 -13.75 2.88 20.93
CA ALA A 461 -12.96 1.70 20.64
C ALA A 461 -13.08 0.78 21.85
N LYS A 462 -12.98 1.36 23.03
CA LYS A 462 -13.09 0.62 24.27
C LYS A 462 -14.43 -0.07 24.41
N GLN A 463 -15.50 0.64 24.10
CA GLN A 463 -16.84 0.09 24.22
C GLN A 463 -17.23 -0.88 23.11
N LYS A 464 -17.12 -0.41 21.87
CA LYS A 464 -17.45 -1.19 20.68
C LYS A 464 -16.47 -2.33 20.32
N GLY A 465 -15.20 -2.14 20.61
CA GLY A 465 -14.18 -3.15 20.34
C GLY A 465 -13.48 -2.88 19.03
N TYR A 466 -14.05 -1.94 18.27
CA TYR A 466 -13.49 -1.57 16.98
C TYR A 466 -13.73 -0.11 16.66
N VAL A 467 -12.87 0.41 15.80
CA VAL A 467 -13.03 1.74 15.25
C VAL A 467 -13.36 1.59 13.78
N THR A 468 -14.10 2.55 13.24
CA THR A 468 -14.56 2.52 11.84
C THR A 468 -14.12 3.76 11.06
N THR A 469 -14.07 3.64 9.74
CA THR A 469 -13.76 4.75 8.85
C THR A 469 -15.01 5.29 8.19
N LEU A 470 -14.87 6.41 7.52
CA LEU A 470 -15.96 7.11 6.82
C LEU A 470 -16.80 6.21 5.96
N LEU A 471 -16.10 5.34 5.22
CA LEU A 471 -16.72 4.41 4.30
C LEU A 471 -16.99 3.04 4.90
N HIS A 472 -16.83 2.93 6.22
CA HIS A 472 -17.13 1.70 7.01
C HIS A 472 -16.06 0.62 7.07
N ARG A 473 -14.82 1.00 6.84
CA ARG A 473 -13.74 0.08 7.06
C ARG A 473 -13.75 -0.11 8.55
N ARG A 474 -13.22 -1.23 9.02
CA ARG A 474 -13.31 -1.58 10.44
C ARG A 474 -11.94 -2.12 10.91
N ARG A 475 -11.61 -1.81 12.14
CA ARG A 475 -10.42 -2.36 12.76
C ARG A 475 -10.75 -2.75 14.20
N TYR A 476 -10.61 -4.03 14.52
CA TYR A 476 -10.77 -4.46 15.89
C TYR A 476 -9.51 -4.13 16.69
N LEU A 477 -9.71 -3.61 17.89
CA LEU A 477 -8.62 -3.28 18.80
C LEU A 477 -8.83 -3.99 20.13
N PRO A 478 -8.54 -5.29 20.18
CA PRO A 478 -8.69 -6.07 21.41
C PRO A 478 -7.74 -5.60 22.49
N ASP A 479 -6.56 -5.12 22.10
CA ASP A 479 -5.56 -4.67 23.06
C ASP A 479 -5.92 -3.37 23.78
N ILE A 480 -7.03 -2.75 23.42
CA ILE A 480 -7.36 -1.46 24.02
C ILE A 480 -7.55 -1.62 25.51
N THR A 481 -8.12 -2.75 25.92
CA THR A 481 -8.45 -2.99 27.33
C THR A 481 -7.33 -3.70 28.07
N SER A 482 -6.18 -3.92 27.42
CA SER A 482 -5.01 -4.51 28.07
C SER A 482 -4.60 -3.75 29.33
N ARG A 483 -3.93 -4.43 30.25
CA ARG A 483 -3.43 -3.81 31.48
C ARG A 483 -1.99 -3.37 31.33
N ASN A 484 -1.25 -4.04 30.45
CA ASN A 484 0.09 -3.60 30.10
C ASN A 484 -0.01 -2.24 29.41
N PHE A 485 0.66 -1.25 30.00
CA PHE A 485 0.62 0.14 29.51
C PHE A 485 1.09 0.31 28.06
N ASN A 486 2.26 -0.24 27.76
CA ASN A 486 2.76 -0.19 26.40
C ASN A 486 1.77 -0.69 25.39
N VAL A 487 1.17 -1.84 25.66
CA VAL A 487 0.21 -2.46 24.73
C VAL A 487 -1.08 -1.66 24.70
N ARG A 488 -1.53 -1.15 25.85
CA ARG A 488 -2.71 -0.30 25.85
C ARG A 488 -2.51 0.96 25.03
N SER A 489 -1.49 1.72 25.35
CA SER A 489 -1.25 2.99 24.70
C SER A 489 -1.18 2.87 23.18
N PHE A 490 -0.53 1.82 22.71
CA PHE A 490 -0.35 1.63 21.29
C PHE A 490 -1.71 1.46 20.61
N ALA A 491 -2.57 0.67 21.22
CA ALA A 491 -3.92 0.45 20.74
C ALA A 491 -4.71 1.74 20.72
N GLU A 492 -4.42 2.61 21.67
CA GLU A 492 -5.09 3.88 21.75
C GLU A 492 -4.64 4.76 20.58
N ARG A 493 -3.37 4.70 20.22
CA ARG A 493 -2.87 5.43 19.05
C ARG A 493 -3.53 4.96 17.78
N MET A 494 -3.71 3.67 17.71
CA MET A 494 -4.48 3.10 16.62
C MET A 494 -5.93 3.60 16.64
N ALA A 495 -6.58 3.57 17.79
CA ALA A 495 -7.96 4.05 17.84
C ALA A 495 -8.01 5.44 17.27
N MET A 496 -7.00 6.22 17.60
CA MET A 496 -6.98 7.61 17.20
C MET A 496 -6.69 7.75 15.73
N ASN A 497 -5.66 7.03 15.28
CA ASN A 497 -5.15 7.15 13.92
C ASN A 497 -5.98 6.53 12.80
N THR A 498 -6.50 5.32 13.02
CA THR A 498 -7.05 4.50 11.94
C THR A 498 -8.23 5.12 11.24
N PRO A 499 -9.11 5.79 11.97
CA PRO A 499 -10.22 6.46 11.29
C PRO A 499 -9.77 7.58 10.38
N ILE A 500 -8.68 8.25 10.74
CA ILE A 500 -8.07 9.29 9.90
C ILE A 500 -7.32 8.64 8.70
N GLN A 501 -6.25 7.90 8.96
CA GLN A 501 -5.53 7.24 7.87
C GLN A 501 -6.46 6.46 6.93
N GLY A 502 -7.43 5.76 7.52
CA GLY A 502 -8.27 4.84 6.78
C GLY A 502 -9.40 5.49 6.02
N SER A 503 -9.92 6.57 6.54
CA SER A 503 -10.86 7.38 5.79
C SER A 503 -10.17 8.03 4.60
N ALA A 504 -8.88 8.30 4.69
CA ALA A 504 -8.10 8.83 3.55
C ALA A 504 -7.93 7.78 2.46
N ALA A 505 -7.65 6.54 2.85
CA ALA A 505 -7.58 5.43 1.90
C ALA A 505 -8.91 5.26 1.16
N ASP A 506 -10.02 5.25 1.90
CA ASP A 506 -11.31 5.14 1.32
C ASP A 506 -11.50 6.23 0.25
N ILE A 507 -11.10 7.47 0.56
CA ILE A 507 -11.43 8.59 -0.31
C ILE A 507 -10.68 8.47 -1.62
N ILE A 508 -9.41 8.11 -1.55
CA ILE A 508 -8.64 8.05 -2.76
C ILE A 508 -9.12 6.85 -3.54
N LYS A 509 -9.48 5.78 -2.83
CA LYS A 509 -10.05 4.59 -3.47
C LYS A 509 -11.31 4.92 -4.27
N LYS A 510 -12.21 5.67 -3.65
CA LYS A 510 -13.37 6.20 -4.35
C LYS A 510 -12.98 7.10 -5.54
N ALA A 511 -12.00 7.97 -5.35
CA ALA A 511 -11.54 8.82 -6.43
C ALA A 511 -11.18 7.98 -7.62
N MET A 512 -10.37 6.95 -7.36
CA MET A 512 -9.84 6.10 -8.42
C MET A 512 -10.96 5.53 -9.23
N ILE A 513 -12.04 5.14 -8.55
CA ILE A 513 -13.19 4.55 -9.23
C ILE A 513 -13.97 5.57 -10.05
N ASP A 514 -13.99 6.82 -9.58
CA ASP A 514 -14.65 7.90 -10.28
C ASP A 514 -13.82 8.34 -11.46
N LEU A 515 -12.50 8.30 -11.31
CA LEU A 515 -11.61 8.73 -12.36
C LEU A 515 -11.81 7.85 -13.59
N ASN A 516 -11.93 6.55 -13.34
CA ASN A 516 -12.08 5.55 -14.37
C ASN A 516 -13.36 5.73 -15.14
N ALA A 517 -14.44 6.05 -14.42
CA ALA A 517 -15.70 6.26 -15.06
C ALA A 517 -15.56 7.45 -16.00
N ARG A 518 -14.87 8.52 -15.58
CA ARG A 518 -14.77 9.73 -16.38
C ARG A 518 -13.81 9.60 -17.54
N LEU A 519 -12.66 8.98 -17.34
CA LEU A 519 -11.71 8.80 -18.43
C LEU A 519 -12.35 8.10 -19.61
N LYS A 520 -13.30 7.24 -19.30
CA LYS A 520 -13.99 6.41 -20.26
C LYS A 520 -15.10 7.19 -20.95
N GLU A 521 -15.84 7.94 -20.14
CA GLU A 521 -16.88 8.86 -20.63
C GLU A 521 -16.31 9.92 -21.57
N GLU A 522 -15.16 10.47 -21.20
CA GLU A 522 -14.47 11.51 -21.97
C GLU A 522 -13.70 10.95 -23.15
N ARG A 523 -13.65 9.63 -23.25
CA ARG A 523 -12.97 8.97 -24.35
C ARG A 523 -11.49 9.31 -24.39
N LEU A 524 -10.91 9.70 -23.26
CA LEU A 524 -9.50 10.04 -23.18
C LEU A 524 -8.72 8.76 -23.14
N GLN A 525 -7.51 8.78 -23.66
CA GLN A 525 -6.65 7.60 -23.64
C GLN A 525 -5.79 7.49 -22.38
N ALA A 526 -5.71 8.58 -21.64
CA ALA A 526 -4.98 8.65 -20.40
C ALA A 526 -5.26 7.41 -19.60
N ARG A 527 -4.22 6.78 -19.07
CA ARG A 527 -4.38 5.62 -18.21
C ARG A 527 -3.65 5.79 -16.90
N LEU A 528 -4.37 5.38 -15.87
CA LEU A 528 -3.90 5.33 -14.51
C LEU A 528 -2.81 4.25 -14.38
N LEU A 529 -1.65 4.66 -13.86
CA LEU A 529 -0.50 3.79 -13.70
C LEU A 529 -0.18 3.41 -12.23
N LEU A 530 -0.12 4.40 -11.36
CA LEU A 530 0.26 4.19 -9.96
C LEU A 530 -0.61 4.96 -9.00
N GLN A 531 -0.68 4.42 -7.79
CA GLN A 531 -1.28 5.09 -6.67
C GLN A 531 -0.30 5.05 -5.52
N VAL A 532 0.08 6.24 -5.03
CA VAL A 532 1.01 6.37 -3.89
C VAL A 532 0.33 7.03 -2.71
N HIS A 533 -0.65 6.34 -2.14
CA HIS A 533 -1.36 6.73 -0.88
C HIS A 533 -2.28 7.96 -0.94
N ASP A 534 -1.80 9.08 -1.45
CA ASP A 534 -2.65 10.25 -1.64
C ASP A 534 -2.40 10.90 -2.96
N GLU A 535 -1.94 10.10 -3.92
CA GLU A 535 -1.43 10.57 -5.18
C GLU A 535 -1.78 9.58 -6.28
N LEU A 536 -2.24 10.12 -7.40
CA LEU A 536 -2.51 9.32 -8.60
C LEU A 536 -1.56 9.74 -9.71
N ILE A 537 -0.83 8.78 -10.27
CA ILE A 537 0.04 9.04 -11.39
C ILE A 537 -0.51 8.44 -12.67
N LEU A 538 -0.61 9.27 -13.71
CA LEU A 538 -1.10 8.82 -15.02
C LEU A 538 -0.13 9.15 -16.12
N GLU A 539 -0.31 8.47 -17.25
CA GLU A 539 0.38 8.82 -18.47
C GLU A 539 -0.68 9.03 -19.55
N ALA A 540 -0.57 10.13 -20.28
CA ALA A 540 -1.48 10.39 -21.39
C ALA A 540 -0.72 10.99 -22.55
N PRO A 541 -1.33 11.03 -23.73
CA PRO A 541 -0.82 11.81 -24.87
C PRO A 541 -0.69 13.30 -24.54
N LYS A 542 0.34 13.95 -25.07
CA LYS A 542 0.55 15.38 -24.79
C LYS A 542 -0.69 16.24 -25.03
N GLU A 543 -1.48 15.83 -26.00
CA GLU A 543 -2.73 16.49 -26.34
C GLU A 543 -3.73 16.57 -25.17
N GLU A 544 -3.82 15.49 -24.41
CA GLU A 544 -4.77 15.34 -23.29
C GLU A 544 -4.37 16.05 -21.99
N MET A 545 -3.14 16.52 -21.90
CA MET A 545 -2.71 17.15 -20.67
C MET A 545 -3.64 18.25 -20.23
N GLU A 546 -4.06 19.10 -21.16
CA GLU A 546 -4.82 20.26 -20.75
C GLU A 546 -6.15 19.86 -20.14
N ARG A 547 -6.81 18.87 -20.71
CA ARG A 547 -8.08 18.45 -20.14
C ARG A 547 -7.88 17.73 -18.80
N LEU A 548 -6.83 16.93 -18.71
CA LEU A 548 -6.51 16.23 -17.48
C LEU A 548 -6.27 17.19 -16.30
N CYS A 549 -5.58 18.30 -16.58
CA CYS A 549 -5.36 19.36 -15.59
C CYS A 549 -6.66 19.85 -14.93
N ARG A 550 -7.73 19.92 -15.73
CA ARG A 550 -9.05 20.27 -15.21
C ARG A 550 -9.84 19.07 -14.74
N LEU A 551 -9.62 17.91 -15.32
CA LEU A 551 -10.47 16.76 -15.01
C LEU A 551 -10.06 16.01 -13.74
N VAL A 552 -8.77 15.73 -13.59
CA VAL A 552 -8.34 14.88 -12.48
C VAL A 552 -8.56 15.53 -11.10
N PRO A 553 -8.14 16.80 -10.92
CA PRO A 553 -8.37 17.40 -9.60
C PRO A 553 -9.85 17.50 -9.24
N GLU A 554 -10.69 17.73 -10.24
CA GLU A 554 -12.13 17.83 -10.00
C GLU A 554 -12.76 16.51 -9.53
N VAL A 555 -12.42 15.42 -10.21
CA VAL A 555 -12.87 14.09 -9.82
C VAL A 555 -12.34 13.70 -8.42
N MET A 556 -11.11 14.13 -8.11
CA MET A 556 -10.49 13.82 -6.84
C MET A 556 -11.14 14.62 -5.77
N GLU A 557 -11.18 15.93 -5.97
CA GLU A 557 -11.72 16.86 -4.97
C GLU A 557 -13.18 16.60 -4.66
N GLN A 558 -13.88 15.98 -5.60
CA GLN A 558 -15.29 15.73 -5.48
C GLN A 558 -15.64 14.30 -5.09
N ALA A 559 -14.62 13.49 -4.83
CA ALA A 559 -14.82 12.08 -4.47
C ALA A 559 -15.76 11.91 -3.27
N VAL A 560 -15.59 12.72 -2.23
CA VAL A 560 -16.60 12.82 -1.17
C VAL A 560 -16.83 14.27 -0.80
N THR A 561 -17.82 14.52 0.06
CA THR A 561 -18.05 15.86 0.59
C THR A 561 -17.87 15.93 2.07
N LEU A 562 -16.72 16.45 2.49
CA LEU A 562 -16.43 16.72 3.90
C LEU A 562 -16.88 18.15 4.27
N ARG A 563 -16.71 18.52 5.53
CA ARG A 563 -17.06 19.85 5.99
C ARG A 563 -16.04 20.90 5.61
N VAL A 564 -14.88 20.42 5.21
CA VAL A 564 -13.84 21.29 4.74
C VAL A 564 -13.63 20.87 3.31
N PRO A 565 -13.19 21.80 2.46
CA PRO A 565 -12.94 21.49 1.07
C PRO A 565 -11.75 20.57 0.93
N LEU A 566 -11.80 19.67 -0.03
CA LEU A 566 -10.61 18.92 -0.44
C LEU A 566 -9.81 19.73 -1.45
N LYS A 567 -8.50 19.61 -1.41
CA LYS A 567 -7.62 20.38 -2.27
C LYS A 567 -6.62 19.42 -2.91
N VAL A 568 -6.52 19.50 -4.24
CA VAL A 568 -5.56 18.70 -5.02
C VAL A 568 -4.59 19.62 -5.72
N ASP A 569 -3.38 19.16 -5.94
CA ASP A 569 -2.43 19.84 -6.80
C ASP A 569 -2.02 18.88 -7.87
N TYR A 570 -1.52 19.37 -8.99
CA TYR A 570 -1.06 18.50 -10.06
C TYR A 570 0.19 19.02 -10.76
N HIS A 571 0.91 18.12 -11.40
CA HIS A 571 2.05 18.46 -12.23
C HIS A 571 2.21 17.41 -13.30
N TYR A 572 3.05 17.71 -14.28
CA TYR A 572 3.28 16.80 -15.39
C TYR A 572 4.57 17.13 -16.07
N GLY A 573 5.07 16.18 -16.86
CA GLY A 573 6.35 16.34 -17.49
C GLY A 573 6.82 15.11 -18.20
N SER A 574 7.96 15.24 -18.84
CA SER A 574 8.52 14.17 -19.66
C SER A 574 8.72 12.90 -18.85
N THR A 575 9.27 13.01 -17.65
CA THR A 575 9.49 11.88 -16.77
C THR A 575 8.71 12.06 -15.49
N TRP A 576 8.65 11.00 -14.69
CA TRP A 576 8.05 11.07 -13.36
C TRP A 576 8.69 12.19 -12.54
N TYR A 577 10.02 12.23 -12.55
CA TYR A 577 10.78 13.28 -11.88
C TYR A 577 10.20 14.65 -12.16
N ASP A 578 9.94 14.92 -13.43
CA ASP A 578 9.46 16.23 -13.87
C ASP A 578 8.04 16.54 -13.46
N ALA A 579 7.26 15.51 -13.13
CA ALA A 579 5.89 15.70 -12.63
C ALA A 579 5.93 16.18 -11.19
N LYS A 580 6.57 17.33 -11.00
CA LYS A 580 6.87 17.95 -9.69
C LYS A 580 6.73 19.48 -9.79
#